data_8WXY
#
_entry.id   8WXY
#
_cell.length_a   140.323
_cell.length_b   140.323
_cell.length_c   135.226
_cell.angle_alpha   90.00
_cell.angle_beta   90.00
_cell.angle_gamma   120.00
#
_symmetry.space_group_name_H-M   'P 61 2 2'
#
loop_
_entity.id
_entity.type
_entity.pdbx_description
1 polymer 'Bromodomain-containing protein 4'
2 non-polymer 5-[2-(4-fluoranyl-2,6-dimethyl-phenoxy)-5-(2-oxidanylpropan-2-yl)phenyl]-1-methyl-4-[(2-morpholin-4-yl-2-oxidanylidene-ethyl)amino]pyridin-2-one
3 non-polymer GLYCEROL
4 water water
#
_entity_poly.entity_id   1
_entity_poly.type   'polypeptide(L)'
_entity_poly.pdbx_seq_one_letter_code
;MKKGHHHHHHLVPRGSNPPPPETSNPNKPKRQTNQLQYLLRVVLKTLWKHQFAWPFQQPVDAVKLNLPDYYKIIKTPMDM
GTIKKRLENNYYWNAQECIQDFNTMFTNCYIYNKPGDDIVLMAEALEKLFLQKINELPTEE
;
_entity_poly.pdbx_strand_id   A,B,C
#
# COMPACT_ATOMS: atom_id res chain seq x y z
N THR A 33 18.82 13.03 30.77
CA THR A 33 17.49 13.21 30.10
C THR A 33 16.50 12.11 30.59
N ASN A 34 15.19 12.30 30.32
CA ASN A 34 14.17 11.25 30.52
C ASN A 34 14.61 10.01 29.77
N GLN A 35 14.46 8.87 30.44
CA GLN A 35 14.93 7.60 29.90
C GLN A 35 14.04 7.09 28.79
N LEU A 36 12.71 7.21 28.96
CA LEU A 36 11.77 6.95 27.88
C LEU A 36 12.11 7.69 26.60
N GLN A 37 12.41 8.99 26.69
CA GLN A 37 12.91 9.73 25.50
C GLN A 37 14.11 9.04 24.88
N TYR A 38 15.03 8.54 25.71
CA TYR A 38 16.19 7.80 25.19
C TYR A 38 15.78 6.51 24.44
N LEU A 39 14.84 5.76 25.04
CA LEU A 39 14.31 4.54 24.43
C LEU A 39 13.68 4.79 23.07
N LEU A 40 13.05 5.95 22.90
CA LEU A 40 12.45 6.31 21.62
C LEU A 40 13.47 6.75 20.57
N ARG A 41 14.25 7.78 20.90
CA ARG A 41 15.11 8.43 19.91
C ARG A 41 16.41 7.73 19.61
N VAL A 42 16.84 6.84 20.48
CA VAL A 42 18.13 6.18 20.33
C VAL A 42 17.95 4.67 20.22
N VAL A 43 17.36 4.05 21.24
CA VAL A 43 17.33 2.60 21.28
C VAL A 43 16.49 2.10 20.11
N LEU A 44 15.22 2.49 20.12
CA LEU A 44 14.24 2.02 19.13
C LEU A 44 14.59 2.50 17.75
N LYS A 45 15.05 3.76 17.61
CA LYS A 45 15.53 4.26 16.34
C LYS A 45 16.55 3.29 15.81
N THR A 46 17.59 3.02 16.59
CA THR A 46 18.70 2.20 16.12
C THR A 46 18.26 0.84 15.68
N LEU A 47 17.41 0.21 16.48
CA LEU A 47 16.93 -1.15 16.22
C LEU A 47 16.07 -1.23 14.99
N TRP A 48 15.29 -0.19 14.78
CA TRP A 48 14.35 -0.14 13.67
C TRP A 48 15.04 0.07 12.31
N LYS A 49 16.10 0.90 12.25
CA LYS A 49 17.05 1.09 11.09
C LYS A 49 17.52 -0.26 10.61
N HIS A 50 18.04 -1.02 11.58
CA HIS A 50 18.81 -2.24 11.37
C HIS A 50 18.18 -3.18 10.36
N GLN A 51 19.04 -3.91 9.68
CA GLN A 51 18.65 -4.80 8.60
C GLN A 51 17.62 -5.90 8.95
N PHE A 52 17.81 -6.45 10.16
CA PHE A 52 17.00 -7.54 10.66
C PHE A 52 15.75 -7.08 11.38
N ALA A 53 15.50 -5.78 11.49
CA ALA A 53 14.25 -5.35 12.14
C ALA A 53 12.89 -5.82 11.56
N TRP A 54 12.79 -6.01 10.25
CA TRP A 54 11.46 -6.09 9.59
C TRP A 54 10.48 -7.11 10.19
N PRO A 55 10.95 -8.29 10.60
CA PRO A 55 9.99 -9.27 11.12
C PRO A 55 9.44 -8.93 12.50
N PHE A 56 10.09 -7.98 13.15
CA PHE A 56 9.71 -7.51 14.44
C PHE A 56 9.03 -6.13 14.45
N GLN A 57 8.70 -5.58 13.28
CA GLN A 57 8.10 -4.24 13.21
C GLN A 57 6.59 -4.28 13.30
N GLN A 58 6.02 -5.48 13.38
CA GLN A 58 4.59 -5.63 13.59
C GLN A 58 4.33 -7.03 14.20
N PRO A 59 3.14 -7.22 14.76
CA PRO A 59 2.76 -8.51 15.31
C PRO A 59 2.90 -9.65 14.34
N VAL A 60 3.18 -10.82 14.90
CA VAL A 60 3.44 -12.02 14.12
C VAL A 60 2.09 -12.49 13.66
N ASP A 61 1.83 -12.40 12.34
CA ASP A 61 0.48 -12.73 11.81
C ASP A 61 0.39 -14.25 11.68
N ALA A 62 -0.17 -14.87 12.72
CA ALA A 62 -0.32 -16.33 12.78
C ALA A 62 -1.16 -16.91 11.65
N VAL A 63 -2.11 -16.12 11.13
CA VAL A 63 -2.99 -16.54 10.03
C VAL A 63 -2.20 -16.59 8.70
N LYS A 64 -1.58 -15.48 8.32
CA LYS A 64 -0.68 -15.46 7.17
C LYS A 64 0.30 -16.61 7.16
N LEU A 65 1.08 -16.71 8.23
CA LEU A 65 2.22 -17.61 8.23
C LEU A 65 1.76 -19.02 8.42
N ASN A 66 0.53 -19.17 8.93
CA ASN A 66 -0.13 -20.44 9.11
C ASN A 66 0.47 -21.22 10.30
N LEU A 67 0.23 -20.62 11.48
CA LEU A 67 0.72 -21.06 12.78
C LEU A 67 -0.47 -21.01 13.75
N PRO A 68 -1.23 -22.11 13.84
CA PRO A 68 -2.42 -21.98 14.72
C PRO A 68 -2.04 -21.89 16.25
N ASP A 69 -0.90 -22.49 16.59
CA ASP A 69 -0.38 -22.67 17.97
C ASP A 69 0.35 -21.46 18.55
N TYR A 70 0.81 -20.53 17.71
CA TYR A 70 1.54 -19.34 18.17
C TYR A 70 0.86 -18.57 19.27
N TYR A 71 -0.43 -18.31 19.10
CA TYR A 71 -1.11 -17.51 20.10
C TYR A 71 -1.50 -18.32 21.36
N LYS A 72 -1.24 -19.63 21.42
CA LYS A 72 -1.50 -20.46 22.64
C LYS A 72 -0.22 -20.54 23.48
N ILE A 73 0.89 -20.68 22.77
CA ILE A 73 2.19 -20.75 23.34
C ILE A 73 2.72 -19.40 23.84
N ILE A 74 2.37 -18.34 23.12
CA ILE A 74 2.85 -17.02 23.43
C ILE A 74 1.69 -16.22 24.00
N LYS A 75 1.76 -16.11 25.31
CA LYS A 75 0.71 -15.48 26.08
C LYS A 75 0.78 -13.94 26.08
N THR A 76 1.96 -13.35 25.83
CA THR A 76 2.15 -11.87 25.83
C THR A 76 2.95 -11.54 24.58
N PRO A 77 2.28 -11.39 23.44
CA PRO A 77 3.00 -11.09 22.22
C PRO A 77 3.53 -9.65 22.21
N MET A 78 4.57 -9.41 21.44
CA MET A 78 5.23 -8.12 21.43
C MET A 78 6.09 -7.91 20.23
N ASP A 79 6.25 -6.64 19.88
CA ASP A 79 6.98 -6.25 18.68
C ASP A 79 7.33 -4.78 18.73
N MET A 80 8.39 -4.44 18.00
CA MET A 80 8.86 -3.07 17.95
C MET A 80 7.79 -2.05 17.49
N GLY A 81 6.86 -2.47 16.64
CA GLY A 81 5.74 -1.63 16.31
C GLY A 81 4.87 -1.21 17.48
N THR A 82 4.40 -2.18 18.24
CA THR A 82 3.61 -1.92 19.43
C THR A 82 4.43 -1.11 20.45
N ILE A 83 5.71 -1.44 20.64
CA ILE A 83 6.51 -0.65 21.58
C ILE A 83 6.58 0.82 21.13
N LYS A 84 6.84 1.02 19.85
CA LYS A 84 6.79 2.34 19.28
C LYS A 84 5.47 3.07 19.52
N LYS A 85 4.30 2.45 19.27
CA LYS A 85 3.02 3.14 19.52
C LYS A 85 2.95 3.54 20.97
N ARG A 86 3.41 2.62 21.82
CA ARG A 86 3.40 2.85 23.24
C ARG A 86 4.30 3.99 23.71
N LEU A 87 5.50 4.08 23.17
CA LEU A 87 6.31 5.26 23.42
C LEU A 87 5.72 6.55 22.85
N GLU A 88 5.14 6.48 21.67
CA GLU A 88 4.55 7.66 21.06
C GLU A 88 3.23 8.13 21.73
N ASN A 89 2.67 7.29 22.60
CA ASN A 89 1.36 7.60 23.12
C ASN A 89 1.18 7.41 24.59
N ASN A 90 2.27 7.59 25.32
CA ASN A 90 2.25 7.89 26.76
C ASN A 90 1.72 6.71 27.55
N TYR A 91 1.94 5.52 27.00
CA TYR A 91 1.36 4.30 27.55
C TYR A 91 2.20 3.85 28.75
N TYR A 92 3.53 3.87 28.62
CA TYR A 92 4.41 3.35 29.67
C TYR A 92 4.39 4.18 30.93
N TRP A 93 4.09 3.53 32.06
CA TRP A 93 4.31 4.06 33.43
C TRP A 93 5.73 4.56 33.69
N ASN A 94 6.71 3.82 33.20
CA ASN A 94 8.12 4.18 33.36
C ASN A 94 8.97 3.40 32.35
N ALA A 95 10.25 3.69 32.31
CA ALA A 95 11.12 3.03 31.40
C ALA A 95 11.35 1.54 31.60
N GLN A 96 11.17 1.00 32.80
CA GLN A 96 11.43 -0.43 33.01
C GLN A 96 10.30 -1.22 32.43
N GLU A 97 9.14 -0.64 32.28
CA GLU A 97 8.01 -1.32 31.64
C GLU A 97 8.27 -1.50 30.16
N CYS A 98 8.83 -0.46 29.55
CA CYS A 98 9.26 -0.51 28.16
C CYS A 98 10.38 -1.53 27.92
N ILE A 99 11.37 -1.56 28.80
CA ILE A 99 12.47 -2.51 28.67
C ILE A 99 11.99 -3.96 28.75
N GLN A 100 11.03 -4.24 29.61
CA GLN A 100 10.43 -5.59 29.71
C GLN A 100 9.79 -6.02 28.39
N ASP A 101 9.09 -5.07 27.76
CA ASP A 101 8.48 -5.30 26.48
C ASP A 101 9.51 -5.68 25.45
N PHE A 102 10.56 -4.88 25.27
CA PHE A 102 11.66 -5.37 24.41
C PHE A 102 12.13 -6.80 24.78
N ASN A 103 12.28 -7.11 26.06
CA ASN A 103 12.77 -8.45 26.46
C ASN A 103 11.74 -9.54 26.17
N THR A 104 10.46 -9.20 26.27
CA THR A 104 9.41 -10.14 25.88
C THR A 104 9.49 -10.45 24.39
N MET A 105 9.79 -9.43 23.61
CA MET A 105 9.84 -9.64 22.20
C MET A 105 10.92 -10.66 21.84
N PHE A 106 12.09 -10.52 22.43
CA PHE A 106 13.14 -11.49 22.15
C PHE A 106 12.78 -12.86 22.70
N THR A 107 12.34 -12.94 23.95
CA THR A 107 12.17 -14.26 24.55
C THR A 107 11.04 -15.02 23.87
N ASN A 108 9.97 -14.30 23.51
CA ASN A 108 8.86 -14.91 22.78
C ASN A 108 9.43 -15.58 21.56
N CYS A 109 10.33 -14.89 20.89
CA CYS A 109 10.90 -15.41 19.68
C CYS A 109 11.74 -16.65 19.95
N TYR A 110 12.58 -16.62 20.99
CA TYR A 110 13.33 -17.84 21.37
C TYR A 110 12.47 -18.98 21.89
N ILE A 111 11.36 -18.67 22.56
CA ILE A 111 10.45 -19.70 23.04
C ILE A 111 9.83 -20.48 21.86
N TYR A 112 9.22 -19.72 20.97
CA TYR A 112 8.42 -20.27 19.89
C TYR A 112 9.23 -20.93 18.80
N ASN A 113 10.37 -20.38 18.41
CA ASN A 113 11.17 -20.92 17.29
C ASN A 113 12.25 -21.80 17.83
N LYS A 114 12.95 -22.51 16.96
CA LYS A 114 13.99 -23.50 17.40
C LYS A 114 15.31 -22.78 17.27
N PRO A 115 16.38 -23.25 17.95
CA PRO A 115 17.67 -22.55 17.74
C PRO A 115 18.20 -22.77 16.33
N GLY A 116 19.07 -21.89 15.85
CA GLY A 116 19.53 -22.01 14.47
C GLY A 116 18.53 -21.51 13.44
N ASP A 117 17.21 -21.65 13.63
CA ASP A 117 16.21 -20.90 12.83
C ASP A 117 16.73 -19.48 12.56
N ASP A 118 16.43 -18.96 11.36
CA ASP A 118 16.87 -17.63 10.93
C ASP A 118 16.38 -16.49 11.82
N ILE A 119 15.06 -16.50 12.06
CA ILE A 119 14.44 -15.54 12.95
C ILE A 119 15.15 -15.41 14.32
N VAL A 120 15.66 -16.50 14.84
CA VAL A 120 16.37 -16.47 16.10
C VAL A 120 17.72 -15.83 15.99
N LEU A 121 18.43 -16.08 14.90
CA LEU A 121 19.74 -15.46 14.66
C LEU A 121 19.57 -13.97 14.45
N MET A 122 18.49 -13.60 13.80
CA MET A 122 18.14 -12.20 13.65
C MET A 122 17.90 -11.56 15.03
N ALA A 123 17.02 -12.16 15.81
CA ALA A 123 16.64 -11.61 17.10
C ALA A 123 17.85 -11.51 17.98
N GLU A 124 18.78 -12.44 17.80
CA GLU A 124 19.96 -12.47 18.67
C GLU A 124 20.84 -11.28 18.40
N ALA A 125 20.99 -10.94 17.12
CA ALA A 125 21.76 -9.76 16.71
C ALA A 125 21.06 -8.49 17.19
N LEU A 126 19.75 -8.40 16.96
CA LEU A 126 19.00 -7.31 17.52
C LEU A 126 19.16 -7.20 19.06
N GLU A 127 19.10 -8.31 19.80
CA GLU A 127 19.24 -8.26 21.25
C GLU A 127 20.62 -7.75 21.66
N LYS A 128 21.66 -8.25 20.96
CA LYS A 128 23.04 -7.83 21.22
C LYS A 128 23.12 -6.28 21.21
N LEU A 129 22.62 -5.73 20.13
CA LEU A 129 22.60 -4.30 19.88
C LEU A 129 21.77 -3.55 20.89
N PHE A 130 20.62 -4.12 21.23
CA PHE A 130 19.72 -3.53 22.22
C PHE A 130 20.45 -3.35 23.54
N LEU A 131 21.17 -4.40 23.92
CA LEU A 131 21.90 -4.40 25.20
C LEU A 131 23.09 -3.46 25.22
N GLN A 132 23.74 -3.22 24.08
CA GLN A 132 24.75 -2.18 24.01
C GLN A 132 24.11 -0.83 24.26
N LYS A 133 23.09 -0.48 23.48
CA LYS A 133 22.46 0.83 23.63
C LYS A 133 21.83 1.06 25.03
N ILE A 134 21.36 -0.02 25.67
CA ILE A 134 20.75 0.08 27.02
C ILE A 134 21.81 0.46 28.09
N ASN A 135 23.09 0.09 27.86
CA ASN A 135 24.21 0.40 28.78
C ASN A 135 24.73 1.84 28.66
N GLU A 136 24.02 2.71 27.92
CA GLU A 136 24.33 4.14 27.92
C GLU A 136 23.05 4.93 28.27
N LEU A 137 22.20 4.32 29.10
CA LEU A 137 20.90 4.92 29.47
C LEU A 137 21.18 6.05 30.48
N PRO A 138 20.61 7.25 30.28
CA PRO A 138 20.49 8.24 31.40
C PRO A 138 19.91 7.65 32.72
N THR A 139 20.27 8.19 33.90
CA THR A 139 20.21 7.38 35.16
C THR A 139 18.93 7.50 36.06
N ASN B 34 -17.18 -13.66 -16.58
CA ASN B 34 -16.01 -12.73 -16.56
C ASN B 34 -14.83 -13.55 -16.04
N GLN B 35 -13.73 -13.38 -16.75
CA GLN B 35 -12.50 -14.02 -16.37
C GLN B 35 -11.84 -13.20 -15.25
N LEU B 36 -12.06 -11.89 -15.26
CA LEU B 36 -11.61 -11.03 -14.20
C LEU B 36 -12.19 -11.44 -12.84
N GLN B 37 -13.48 -11.81 -12.78
CA GLN B 37 -14.09 -12.38 -11.54
C GLN B 37 -13.33 -13.59 -11.03
N TYR B 38 -13.02 -14.46 -11.96
CA TYR B 38 -12.28 -15.68 -11.68
C TYR B 38 -10.89 -15.40 -11.08
N LEU B 39 -10.24 -14.38 -11.60
CA LEU B 39 -8.89 -14.02 -11.14
C LEU B 39 -8.91 -13.46 -9.76
N LEU B 40 -9.96 -12.72 -9.43
CA LEU B 40 -10.16 -12.21 -8.09
C LEU B 40 -10.61 -13.30 -7.13
N ARG B 41 -11.77 -13.90 -7.38
CA ARG B 41 -12.34 -14.88 -6.47
C ARG B 41 -11.62 -16.24 -6.39
N VAL B 42 -10.99 -16.72 -7.44
CA VAL B 42 -10.36 -18.02 -7.36
C VAL B 42 -8.84 -17.90 -7.41
N VAL B 43 -8.27 -17.28 -8.44
CA VAL B 43 -6.82 -17.33 -8.59
C VAL B 43 -6.09 -16.58 -7.47
N LEU B 44 -6.50 -15.33 -7.25
CA LEU B 44 -5.90 -14.52 -6.21
C LEU B 44 -6.15 -15.06 -4.79
N LYS B 45 -7.36 -15.48 -4.42
CA LYS B 45 -7.57 -16.11 -3.09
C LYS B 45 -6.63 -17.26 -2.94
N THR B 46 -6.59 -18.18 -3.92
CA THR B 46 -5.70 -19.32 -3.79
C THR B 46 -4.27 -18.90 -3.45
N LEU B 47 -3.75 -17.94 -4.19
CA LEU B 47 -2.36 -17.54 -3.99
C LEU B 47 -2.12 -16.78 -2.70
N TRP B 48 -3.07 -15.97 -2.30
CA TRP B 48 -2.95 -15.11 -1.14
C TRP B 48 -2.96 -15.92 0.13
N LYS B 49 -3.77 -16.98 0.12
CA LYS B 49 -3.94 -17.87 1.27
C LYS B 49 -2.71 -18.79 1.45
N HIS B 50 -1.86 -18.89 0.46
CA HIS B 50 -0.75 -19.83 0.52
C HIS B 50 0.27 -19.33 1.52
N GLN B 51 1.10 -20.25 2.00
CA GLN B 51 2.03 -19.99 3.11
C GLN B 51 3.19 -19.10 2.68
N PHE B 52 3.54 -19.27 1.41
CA PHE B 52 4.60 -18.51 0.75
C PHE B 52 4.23 -17.11 0.25
N ALA B 53 2.97 -16.71 0.37
CA ALA B 53 2.52 -15.41 -0.12
C ALA B 53 3.07 -14.16 0.56
N TRP B 54 3.34 -14.23 1.85
CA TRP B 54 3.56 -12.99 2.62
C TRP B 54 4.59 -11.99 1.98
N PRO B 55 5.73 -12.45 1.41
CA PRO B 55 6.64 -11.50 0.75
C PRO B 55 6.15 -10.86 -0.57
N PHE B 56 5.06 -11.39 -1.11
CA PHE B 56 4.45 -10.88 -2.32
C PHE B 56 3.11 -10.17 -2.13
N GLN B 57 2.74 -9.87 -0.88
CA GLN B 57 1.43 -9.23 -0.57
C GLN B 57 1.52 -7.70 -0.45
N GLN B 58 2.71 -7.17 -0.58
CA GLN B 58 2.88 -5.71 -0.64
C GLN B 58 4.23 -5.48 -1.33
N PRO B 59 4.55 -4.24 -1.70
CA PRO B 59 5.82 -4.04 -2.39
C PRO B 59 7.03 -4.51 -1.60
N VAL B 60 8.13 -4.72 -2.30
CA VAL B 60 9.40 -4.99 -1.66
C VAL B 60 9.77 -3.67 -1.07
N ASP B 61 10.05 -3.60 0.23
CA ASP B 61 10.47 -2.36 0.86
C ASP B 61 11.99 -2.32 0.86
N ALA B 62 12.53 -1.72 -0.19
CA ALA B 62 13.97 -1.51 -0.39
C ALA B 62 14.67 -0.71 0.72
N VAL B 63 13.95 0.23 1.35
CA VAL B 63 14.52 1.01 2.47
C VAL B 63 14.82 0.07 3.64
N LYS B 64 13.79 -0.59 4.15
CA LYS B 64 13.94 -1.57 5.20
C LYS B 64 15.00 -2.66 4.97
N LEU B 65 15.19 -3.09 3.74
CA LEU B 65 16.14 -4.16 3.51
C LEU B 65 17.57 -3.68 3.22
N ASN B 66 17.78 -2.35 3.14
CA ASN B 66 19.04 -1.71 2.63
C ASN B 66 19.40 -2.25 1.27
N LEU B 67 18.46 -2.14 0.33
CA LEU B 67 18.61 -2.55 -1.06
C LEU B 67 18.41 -1.34 -1.95
N PRO B 68 19.36 -0.40 -1.96
CA PRO B 68 19.07 0.81 -2.74
C PRO B 68 19.08 0.57 -4.27
N ASP B 69 19.77 -0.49 -4.70
CA ASP B 69 19.76 -0.93 -6.09
C ASP B 69 18.47 -1.60 -6.60
N TYR B 70 17.59 -2.08 -5.71
CA TYR B 70 16.38 -2.80 -6.13
C TYR B 70 15.54 -1.92 -7.05
N TYR B 71 15.18 -0.73 -6.62
CA TYR B 71 14.29 0.06 -7.46
C TYR B 71 14.96 0.62 -8.69
N LYS B 72 16.30 0.60 -8.76
CA LYS B 72 17.06 0.96 -9.98
C LYS B 72 17.20 -0.20 -10.98
N ILE B 73 17.52 -1.42 -10.54
CA ILE B 73 17.34 -2.64 -11.37
C ILE B 73 15.90 -3.00 -11.76
N ILE B 74 14.97 -3.17 -10.84
CA ILE B 74 13.60 -3.53 -11.24
C ILE B 74 12.81 -2.29 -11.59
N LYS B 75 12.34 -2.21 -12.84
CA LYS B 75 11.70 -0.97 -13.33
C LYS B 75 10.18 -0.96 -13.37
N THR B 76 9.58 -2.14 -13.26
CA THR B 76 8.14 -2.22 -13.01
C THR B 76 7.89 -3.15 -11.83
N PRO B 77 7.88 -2.60 -10.61
CA PRO B 77 7.67 -3.44 -9.46
C PRO B 77 6.22 -3.87 -9.40
N MET B 78 5.95 -5.03 -8.83
CA MET B 78 4.60 -5.57 -8.83
C MET B 78 4.44 -6.60 -7.71
N ASP B 79 3.23 -6.65 -7.18
CA ASP B 79 2.90 -7.54 -6.08
C ASP B 79 1.43 -7.75 -6.01
N MET B 80 1.05 -8.78 -5.26
CA MET B 80 -0.35 -9.15 -5.15
C MET B 80 -1.21 -8.08 -4.47
N GLY B 81 -0.56 -7.24 -3.65
CA GLY B 81 -1.24 -6.14 -3.01
C GLY B 81 -1.84 -5.24 -4.05
N THR B 82 -0.96 -4.76 -4.94
CA THR B 82 -1.32 -3.95 -6.11
C THR B 82 -2.31 -4.66 -7.07
N ILE B 83 -2.01 -5.91 -7.44
CA ILE B 83 -2.93 -6.67 -8.30
C ILE B 83 -4.31 -6.72 -7.69
N LYS B 84 -4.37 -7.04 -6.40
CA LYS B 84 -5.64 -7.07 -5.67
C LYS B 84 -6.36 -5.75 -5.79
N LYS B 85 -5.64 -4.66 -5.53
CA LYS B 85 -6.20 -3.31 -5.56
C LYS B 85 -6.81 -3.06 -6.96
N ARG B 86 -6.07 -3.49 -8.00
CA ARG B 86 -6.45 -3.22 -9.39
C ARG B 86 -7.70 -3.97 -9.80
N LEU B 87 -7.83 -5.21 -9.37
CA LEU B 87 -9.06 -5.97 -9.59
C LEU B 87 -10.24 -5.37 -8.84
N GLU B 88 -10.01 -4.85 -7.64
CA GLU B 88 -11.12 -4.32 -6.83
C GLU B 88 -11.56 -2.92 -7.34
N ASN B 89 -10.68 -2.30 -8.15
CA ASN B 89 -10.94 -0.93 -8.54
C ASN B 89 -10.95 -0.64 -10.03
N ASN B 90 -11.30 -1.70 -10.78
CA ASN B 90 -11.77 -1.60 -12.19
C ASN B 90 -10.67 -1.02 -13.08
N TYR B 91 -9.43 -1.41 -12.81
CA TYR B 91 -8.25 -0.84 -13.46
C TYR B 91 -7.97 -1.48 -14.77
N TYR B 92 -8.05 -2.80 -14.77
CA TYR B 92 -7.64 -3.61 -15.88
C TYR B 92 -8.54 -3.46 -17.13
N TRP B 93 -7.88 -3.35 -18.29
CA TRP B 93 -8.53 -3.35 -19.61
C TRP B 93 -9.16 -4.71 -19.84
N ASN B 94 -8.51 -5.77 -19.36
CA ASN B 94 -9.09 -7.10 -19.45
C ASN B 94 -8.28 -8.13 -18.64
N ALA B 95 -8.79 -9.34 -18.54
CA ALA B 95 -8.09 -10.40 -17.80
C ALA B 95 -6.59 -10.55 -18.14
N GLN B 96 -6.28 -10.29 -19.38
CA GLN B 96 -4.96 -10.63 -19.88
C GLN B 96 -3.89 -9.63 -19.46
N GLU B 97 -4.31 -8.42 -19.13
CA GLU B 97 -3.44 -7.41 -18.51
C GLU B 97 -3.11 -7.76 -17.03
N CYS B 98 -4.06 -8.39 -16.33
CA CYS B 98 -3.85 -8.88 -14.97
C CYS B 98 -2.84 -10.02 -14.96
N ILE B 99 -2.98 -10.95 -15.90
CA ILE B 99 -2.00 -12.02 -16.03
C ILE B 99 -0.62 -11.45 -16.28
N GLN B 100 -0.52 -10.39 -17.09
CA GLN B 100 0.78 -9.77 -17.33
C GLN B 100 1.36 -9.35 -15.97
N ASP B 101 0.54 -8.75 -15.09
CA ASP B 101 1.03 -8.34 -13.77
C ASP B 101 1.58 -9.47 -12.89
N PHE B 102 0.85 -10.58 -12.80
CA PHE B 102 1.41 -11.74 -12.11
C PHE B 102 2.79 -12.16 -12.67
N ASN B 103 2.92 -12.18 -13.98
CA ASN B 103 4.19 -12.58 -14.58
C ASN B 103 5.27 -11.59 -14.20
N THR B 104 4.93 -10.30 -14.20
CA THR B 104 5.93 -9.30 -13.88
C THR B 104 6.42 -9.51 -12.43
N MET B 105 5.47 -9.81 -11.54
CA MET B 105 5.80 -10.18 -10.17
C MET B 105 6.81 -11.31 -10.13
N PHE B 106 6.50 -12.46 -10.71
CA PHE B 106 7.46 -13.58 -10.66
C PHE B 106 8.78 -13.21 -11.28
N THR B 107 8.78 -12.67 -12.51
CA THR B 107 10.06 -12.40 -13.18
C THR B 107 10.87 -11.30 -12.50
N ASN B 108 10.24 -10.29 -11.89
CA ASN B 108 11.04 -9.35 -11.08
C ASN B 108 11.82 -10.12 -10.01
N CYS B 109 11.17 -11.08 -9.37
CA CYS B 109 11.81 -11.84 -8.35
C CYS B 109 13.02 -12.56 -8.90
N TYR B 110 12.82 -13.23 -10.03
CA TYR B 110 13.90 -13.99 -10.66
C TYR B 110 15.01 -13.10 -11.25
N ILE B 111 14.71 -11.84 -11.59
CA ILE B 111 15.76 -10.92 -12.06
C ILE B 111 16.67 -10.51 -10.93
N TYR B 112 16.09 -9.92 -9.86
CA TYR B 112 16.84 -9.35 -8.70
C TYR B 112 17.59 -10.37 -7.86
N ASN B 113 17.00 -11.54 -7.64
CA ASN B 113 17.51 -12.54 -6.71
C ASN B 113 18.29 -13.69 -7.37
N LYS B 114 19.34 -14.20 -6.72
CA LYS B 114 20.07 -15.41 -7.23
C LYS B 114 19.12 -16.60 -7.30
N PRO B 115 19.42 -17.57 -8.17
CA PRO B 115 18.57 -18.80 -8.22
C PRO B 115 18.94 -19.70 -7.07
N GLY B 116 17.98 -20.44 -6.53
CA GLY B 116 18.17 -21.20 -5.27
C GLY B 116 17.97 -20.46 -3.94
N ASP B 117 17.89 -19.11 -3.93
CA ASP B 117 17.49 -18.29 -2.76
C ASP B 117 16.09 -18.70 -2.28
N ASP B 118 15.83 -18.50 -0.99
CA ASP B 118 14.53 -18.82 -0.35
C ASP B 118 13.41 -18.14 -1.15
N ILE B 119 13.57 -16.82 -1.31
CA ILE B 119 12.59 -15.99 -1.99
C ILE B 119 12.25 -16.55 -3.39
N VAL B 120 13.28 -16.93 -4.15
CA VAL B 120 13.09 -17.48 -5.48
C VAL B 120 12.38 -18.82 -5.50
N LEU B 121 12.71 -19.73 -4.59
CA LEU B 121 11.95 -20.99 -4.48
C LEU B 121 10.48 -20.75 -4.13
N MET B 122 10.21 -19.75 -3.30
CA MET B 122 8.84 -19.39 -2.94
C MET B 122 8.09 -18.86 -4.16
N ALA B 123 8.73 -17.95 -4.88
CA ALA B 123 8.18 -17.43 -6.11
C ALA B 123 7.83 -18.60 -7.04
N GLU B 124 8.77 -19.52 -7.26
CA GLU B 124 8.50 -20.68 -8.12
C GLU B 124 7.32 -21.51 -7.63
N ALA B 125 7.23 -21.73 -6.33
CA ALA B 125 6.08 -22.47 -5.80
C ALA B 125 4.77 -21.78 -6.20
N LEU B 126 4.69 -20.48 -5.91
CA LEU B 126 3.53 -19.69 -6.23
C LEU B 126 3.19 -19.65 -7.73
N GLU B 127 4.21 -19.56 -8.57
CA GLU B 127 4.01 -19.51 -10.04
C GLU B 127 3.49 -20.84 -10.58
N LYS B 128 4.04 -21.97 -10.10
CA LYS B 128 3.49 -23.29 -10.42
C LYS B 128 1.98 -23.24 -10.12
N LEU B 129 1.65 -22.89 -8.90
CA LEU B 129 0.26 -22.89 -8.47
C LEU B 129 -0.61 -21.92 -9.29
N PHE B 130 -0.02 -20.79 -9.66
CA PHE B 130 -0.67 -19.82 -10.53
C PHE B 130 -1.03 -20.45 -11.87
N LEU B 131 -0.10 -21.23 -12.44
CA LEU B 131 -0.29 -21.80 -13.80
C LEU B 131 -1.35 -22.88 -13.80
N GLN B 132 -1.48 -23.60 -12.69
CA GLN B 132 -2.55 -24.59 -12.54
C GLN B 132 -3.87 -23.91 -12.57
N LYS B 133 -4.02 -22.89 -11.73
CA LYS B 133 -5.31 -22.23 -11.59
C LYS B 133 -5.74 -21.43 -12.84
N ILE B 134 -4.77 -20.85 -13.54
CA ILE B 134 -5.03 -20.11 -14.78
C ILE B 134 -5.53 -21.00 -15.94
N ASN B 135 -5.24 -22.31 -15.91
CA ASN B 135 -5.78 -23.25 -16.94
C ASN B 135 -7.28 -23.42 -17.00
N GLU B 136 -7.93 -23.49 -15.83
CA GLU B 136 -9.40 -23.63 -15.73
C GLU B 136 -10.11 -22.25 -15.85
N LEU B 137 -9.50 -21.33 -16.59
CA LEU B 137 -10.03 -20.00 -16.76
C LEU B 137 -11.20 -20.11 -17.75
N PRO B 138 -12.37 -19.48 -17.46
CA PRO B 138 -13.45 -19.44 -18.48
C PRO B 138 -13.05 -18.72 -19.79
N THR B 139 -13.93 -18.75 -20.81
CA THR B 139 -13.66 -18.07 -22.11
C THR B 139 -14.59 -16.86 -22.45
N GLU B 140 -15.73 -16.72 -21.78
CA GLU B 140 -16.48 -15.43 -21.85
C GLU B 140 -16.78 -15.01 -23.28
N THR C 33 -13.50 -1.13 -26.81
CA THR C 33 -13.18 -0.77 -25.38
C THR C 33 -14.44 -0.10 -24.73
N ASN C 34 -14.62 -0.32 -23.42
CA ASN C 34 -15.69 0.30 -22.61
C ASN C 34 -15.38 1.78 -22.41
N GLN C 35 -16.42 2.57 -22.43
CA GLN C 35 -16.31 3.99 -22.21
C GLN C 35 -15.74 4.33 -20.83
N LEU C 36 -16.31 3.68 -19.81
CA LEU C 36 -15.96 3.95 -18.44
C LEU C 36 -14.52 3.55 -18.14
N GLN C 37 -14.09 2.40 -18.66
CA GLN C 37 -12.66 2.05 -18.60
C GLN C 37 -11.77 3.18 -19.14
N TYR C 38 -12.18 3.75 -20.28
CA TYR C 38 -11.38 4.76 -20.96
C TYR C 38 -11.31 5.97 -20.03
N LEU C 39 -12.46 6.42 -19.54
CA LEU C 39 -12.51 7.53 -18.60
C LEU C 39 -11.59 7.39 -17.40
N LEU C 40 -11.43 6.18 -16.90
CA LEU C 40 -10.51 5.92 -15.79
C LEU C 40 -9.06 5.86 -16.26
N ARG C 41 -8.75 4.96 -17.20
CA ARG C 41 -7.33 4.70 -17.59
C ARG C 41 -6.69 5.75 -18.47
N VAL C 42 -7.50 6.60 -19.08
CA VAL C 42 -7.03 7.55 -20.05
C VAL C 42 -7.47 8.95 -19.66
N VAL C 43 -8.75 9.23 -19.60
CA VAL C 43 -9.14 10.64 -19.46
C VAL C 43 -8.63 11.13 -18.13
N LEU C 44 -9.12 10.50 -17.06
CA LEU C 44 -8.80 10.87 -15.70
C LEU C 44 -7.30 10.81 -15.42
N LYS C 45 -6.61 9.76 -15.89
CA LYS C 45 -5.16 9.62 -15.66
C LYS C 45 -4.46 10.87 -16.15
N THR C 46 -4.75 11.30 -17.39
CA THR C 46 -4.13 12.50 -17.98
C THR C 46 -4.34 13.76 -17.14
N LEU C 47 -5.60 14.01 -16.78
CA LEU C 47 -5.92 15.16 -15.96
C LEU C 47 -5.24 15.08 -14.59
N TRP C 48 -5.12 13.88 -14.04
CA TRP C 48 -4.58 13.71 -12.70
C TRP C 48 -3.09 14.03 -12.69
N LYS C 49 -2.36 13.41 -13.62
CA LYS C 49 -0.94 13.66 -13.82
C LYS C 49 -0.69 15.17 -14.04
N HIS C 50 -1.59 15.85 -14.74
CA HIS C 50 -1.32 17.23 -15.20
C HIS C 50 -0.82 18.18 -14.11
N GLN C 51 -0.10 19.21 -14.52
CA GLN C 51 0.47 20.17 -13.58
C GLN C 51 -0.53 20.88 -12.64
N PHE C 52 -1.67 21.35 -13.19
CA PHE C 52 -2.66 22.14 -12.44
C PHE C 52 -3.73 21.32 -11.70
N ALA C 53 -3.53 20.01 -11.52
CA ALA C 53 -4.59 19.18 -10.96
C ALA C 53 -4.81 19.35 -9.44
N TRP C 54 -3.75 19.70 -8.74
CA TRP C 54 -3.78 19.59 -7.31
C TRP C 54 -4.98 20.22 -6.57
N PRO C 55 -5.48 21.39 -6.97
CA PRO C 55 -6.65 21.92 -6.24
C PRO C 55 -7.99 21.17 -6.46
N PHE C 56 -8.03 20.39 -7.54
CA PHE C 56 -9.21 19.63 -7.92
C PHE C 56 -9.15 18.14 -7.56
N GLN C 57 -8.11 17.73 -6.84
CA GLN C 57 -7.87 16.30 -6.48
C GLN C 57 -8.56 15.83 -5.21
N GLN C 58 -9.08 16.79 -4.45
CA GLN C 58 -9.82 16.56 -3.22
C GLN C 58 -10.73 17.72 -3.13
N PRO C 59 -11.78 17.63 -2.31
CA PRO C 59 -12.77 18.69 -2.44
C PRO C 59 -12.23 20.01 -1.89
N VAL C 60 -12.94 21.11 -2.16
CA VAL C 60 -12.48 22.40 -1.71
C VAL C 60 -12.66 22.39 -0.21
N ASP C 61 -11.59 22.62 0.55
CA ASP C 61 -11.70 22.62 2.01
C ASP C 61 -12.04 24.02 2.47
N ALA C 62 -13.33 24.23 2.73
CA ALA C 62 -13.87 25.55 3.04
C ALA C 62 -13.33 26.13 4.36
N VAL C 63 -13.26 25.31 5.41
CA VAL C 63 -12.65 25.76 6.67
C VAL C 63 -11.18 26.20 6.41
N LYS C 64 -10.30 25.31 5.94
CA LYS C 64 -8.88 25.64 5.73
C LYS C 64 -8.59 26.94 5.00
N LEU C 65 -9.52 27.37 4.15
CA LEU C 65 -9.34 28.57 3.34
C LEU C 65 -10.05 29.79 3.90
N ASN C 66 -11.11 29.56 4.68
CA ASN C 66 -11.92 30.61 5.30
C ASN C 66 -12.87 31.17 4.24
N LEU C 67 -13.86 30.37 3.88
CA LEU C 67 -14.78 30.64 2.79
C LEU C 67 -16.14 30.07 3.16
N PRO C 68 -16.73 30.50 4.29
CA PRO C 68 -17.98 29.89 4.79
C PRO C 68 -19.13 29.88 3.76
N ASP C 69 -19.09 30.84 2.84
CA ASP C 69 -20.04 30.90 1.73
C ASP C 69 -19.89 29.85 0.62
N TYR C 70 -18.83 29.04 0.62
CA TYR C 70 -18.64 28.07 -0.49
C TYR C 70 -19.77 27.05 -0.52
N TYR C 71 -20.05 26.43 0.63
CA TYR C 71 -21.11 25.41 0.69
C TYR C 71 -22.52 25.98 0.59
N LYS C 72 -22.63 27.27 0.91
CA LYS C 72 -23.84 28.06 0.61
C LYS C 72 -24.02 28.22 -0.92
N ILE C 73 -23.08 28.85 -1.63
CA ILE C 73 -23.21 29.10 -3.07
C ILE C 73 -23.14 27.82 -3.91
N ILE C 74 -22.13 26.97 -3.68
CA ILE C 74 -21.94 25.80 -4.54
C ILE C 74 -22.76 24.67 -3.99
N LYS C 75 -23.79 24.34 -4.76
CA LYS C 75 -24.87 23.51 -4.30
C LYS C 75 -24.41 22.05 -4.37
N THR C 76 -23.94 21.59 -5.55
CA THR C 76 -23.40 20.22 -5.75
C THR C 76 -21.87 20.21 -5.95
N PRO C 77 -21.09 20.00 -4.87
CA PRO C 77 -19.62 20.02 -5.00
C PRO C 77 -19.14 18.82 -5.79
N MET C 78 -17.89 18.88 -6.22
CA MET C 78 -17.32 17.86 -7.07
C MET C 78 -15.82 18.03 -7.33
N ASP C 79 -15.12 16.92 -7.28
CA ASP C 79 -13.67 16.90 -7.51
C ASP C 79 -13.21 15.59 -8.10
N MET C 80 -12.02 15.61 -8.67
CA MET C 80 -11.50 14.42 -9.34
C MET C 80 -11.29 13.29 -8.33
N GLY C 81 -11.05 13.65 -7.07
CA GLY C 81 -10.96 12.68 -6.00
C GLY C 81 -12.21 11.84 -5.89
N THR C 82 -13.33 12.52 -5.72
CA THR C 82 -14.65 11.89 -5.77
C THR C 82 -14.86 11.07 -7.06
N ILE C 83 -14.60 11.69 -8.21
CA ILE C 83 -14.81 11.02 -9.50
C ILE C 83 -14.00 9.70 -9.56
N LYS C 84 -12.75 9.77 -9.15
CA LYS C 84 -11.87 8.61 -9.17
C LYS C 84 -12.47 7.50 -8.33
N LYS C 85 -12.95 7.81 -7.14
CA LYS C 85 -13.58 6.79 -6.30
C LYS C 85 -14.80 6.19 -6.99
N ARG C 86 -15.62 7.03 -7.58
CA ARG C 86 -16.80 6.52 -8.28
C ARG C 86 -16.52 5.54 -9.43
N LEU C 87 -15.45 5.78 -10.16
CA LEU C 87 -15.04 4.87 -11.20
C LEU C 87 -14.49 3.59 -10.59
N GLU C 88 -13.73 3.72 -9.52
CA GLU C 88 -13.13 2.56 -8.85
C GLU C 88 -14.14 1.70 -8.03
N ASN C 89 -15.31 2.29 -7.75
CA ASN C 89 -16.27 1.60 -6.93
C ASN C 89 -17.68 1.55 -7.52
N ASN C 90 -17.73 1.38 -8.83
CA ASN C 90 -18.94 0.94 -9.52
C ASN C 90 -20.15 1.88 -9.33
N TYR C 91 -19.93 3.17 -9.08
CA TYR C 91 -21.05 4.07 -8.77
C TYR C 91 -21.82 4.46 -10.03
N TYR C 92 -21.11 4.84 -11.08
CA TYR C 92 -21.77 5.36 -12.27
C TYR C 92 -22.64 4.38 -13.06
N TRP C 93 -23.85 4.83 -13.36
CA TRP C 93 -24.79 4.11 -14.22
C TRP C 93 -24.25 3.96 -15.65
N ASN C 94 -23.69 5.05 -16.17
CA ASN C 94 -23.20 5.11 -17.56
C ASN C 94 -22.10 6.15 -17.63
N ALA C 95 -21.37 6.16 -18.74
CA ALA C 95 -20.30 7.14 -18.91
C ALA C 95 -20.86 8.55 -19.01
N GLN C 96 -22.09 8.70 -19.51
CA GLN C 96 -22.67 10.03 -19.52
C GLN C 96 -22.78 10.66 -18.11
N GLU C 97 -23.01 9.85 -17.08
CA GLU C 97 -23.06 10.34 -15.69
C GLU C 97 -21.70 10.78 -15.11
N CYS C 98 -20.63 10.11 -15.54
CA CYS C 98 -19.28 10.47 -15.12
C CYS C 98 -18.88 11.78 -15.76
N ILE C 99 -19.18 11.94 -17.05
CA ILE C 99 -18.95 13.22 -17.71
C ILE C 99 -19.73 14.35 -17.00
N GLN C 100 -21.00 14.13 -16.68
CA GLN C 100 -21.77 15.13 -15.93
C GLN C 100 -20.94 15.68 -14.78
N ASP C 101 -20.37 14.76 -14.00
CA ASP C 101 -19.61 15.12 -12.79
C ASP C 101 -18.40 15.97 -13.10
N PHE C 102 -17.72 15.65 -14.19
CA PHE C 102 -16.61 16.49 -14.67
C PHE C 102 -17.06 17.91 -14.95
N ASN C 103 -18.05 18.08 -15.83
CA ASN C 103 -18.60 19.44 -16.15
C ASN C 103 -18.98 20.17 -14.85
N THR C 104 -19.73 19.53 -13.97
CA THR C 104 -20.12 20.14 -12.69
C THR C 104 -18.92 20.65 -11.91
N MET C 105 -17.84 19.87 -11.90
CA MET C 105 -16.59 20.30 -11.25
C MET C 105 -16.10 21.62 -11.84
N PHE C 106 -16.00 21.66 -13.17
CA PHE C 106 -15.56 22.85 -13.89
C PHE C 106 -16.54 24.01 -13.71
N THR C 107 -17.80 23.82 -14.11
CA THR C 107 -18.82 24.86 -13.91
C THR C 107 -18.84 25.34 -12.45
N ASN C 108 -18.78 24.45 -11.47
CA ASN C 108 -18.66 24.93 -10.07
C ASN C 108 -17.56 25.98 -9.90
N CYS C 109 -16.35 25.68 -10.36
CA CYS C 109 -15.20 26.57 -10.19
C CYS C 109 -15.42 27.96 -10.78
N TYR C 110 -15.91 27.97 -12.02
CA TYR C 110 -16.25 29.20 -12.76
C TYR C 110 -17.34 30.06 -12.08
N ILE C 111 -18.40 29.44 -11.57
CA ILE C 111 -19.41 30.14 -10.75
C ILE C 111 -18.77 30.86 -9.56
N TYR C 112 -18.17 30.09 -8.64
CA TYR C 112 -17.67 30.61 -7.38
C TYR C 112 -16.53 31.63 -7.48
N ASN C 113 -15.76 31.61 -8.57
CA ASN C 113 -14.63 32.54 -8.70
C ASN C 113 -14.84 33.51 -9.85
N LYS C 114 -14.14 34.63 -9.79
CA LYS C 114 -14.25 35.69 -10.81
C LYS C 114 -13.24 35.38 -11.92
N PRO C 115 -13.68 35.39 -13.22
CA PRO C 115 -12.75 35.14 -14.34
C PRO C 115 -11.41 35.83 -14.19
N GLY C 116 -10.37 35.25 -14.78
CA GLY C 116 -9.01 35.75 -14.63
C GLY C 116 -8.35 35.55 -13.27
N ASP C 117 -9.03 34.91 -12.30
CA ASP C 117 -8.39 34.38 -11.07
C ASP C 117 -7.33 33.32 -11.45
N ASP C 118 -6.49 32.94 -10.49
CA ASP C 118 -5.53 31.83 -10.71
C ASP C 118 -6.28 30.51 -10.96
N ILE C 119 -7.01 30.05 -9.96
CA ILE C 119 -7.82 28.84 -10.09
C ILE C 119 -8.57 28.69 -11.43
N VAL C 120 -9.11 29.77 -11.97
CA VAL C 120 -9.97 29.67 -13.13
C VAL C 120 -9.18 29.33 -14.40
N LEU C 121 -7.97 29.88 -14.52
CA LEU C 121 -7.15 29.58 -15.72
C LEU C 121 -6.82 28.10 -15.70
N MET C 122 -6.43 27.63 -14.51
CA MET C 122 -6.20 26.21 -14.25
C MET C 122 -7.39 25.32 -14.71
N ALA C 123 -8.58 25.58 -14.16
CA ALA C 123 -9.79 24.92 -14.61
C ALA C 123 -9.93 24.96 -16.14
N GLU C 124 -9.84 26.16 -16.71
CA GLU C 124 -9.93 26.35 -18.17
C GLU C 124 -8.98 25.46 -18.95
N ALA C 125 -7.73 25.40 -18.50
CA ALA C 125 -6.70 24.56 -19.14
C ALA C 125 -7.04 23.07 -19.08
N LEU C 126 -7.54 22.66 -17.91
CA LEU C 126 -7.94 21.27 -17.67
C LEU C 126 -9.14 20.91 -18.53
N GLU C 127 -10.10 21.82 -18.61
CA GLU C 127 -11.25 21.59 -19.47
C GLU C 127 -10.83 21.49 -20.94
N LYS C 128 -9.84 22.26 -21.37
CA LYS C 128 -9.33 22.14 -22.75
C LYS C 128 -8.89 20.69 -23.01
N LEU C 129 -8.00 20.22 -22.13
CA LEU C 129 -7.44 18.86 -22.17
C LEU C 129 -8.50 17.81 -22.06
N PHE C 130 -9.41 18.00 -21.12
CA PHE C 130 -10.57 17.13 -20.94
C PHE C 130 -11.38 16.93 -22.22
N LEU C 131 -11.71 18.03 -22.88
CA LEU C 131 -12.55 18.02 -24.07
C LEU C 131 -11.83 17.37 -25.27
N GLN C 132 -10.51 17.56 -25.38
CA GLN C 132 -9.68 16.80 -26.36
C GLN C 132 -9.89 15.31 -26.20
N LYS C 133 -9.80 14.84 -24.95
CA LYS C 133 -9.79 13.41 -24.61
C LYS C 133 -11.17 12.70 -24.71
N ILE C 134 -12.25 13.44 -24.48
CA ILE C 134 -13.61 12.94 -24.80
C ILE C 134 -13.77 12.55 -26.28
N ASN C 135 -13.19 13.34 -27.19
CA ASN C 135 -13.35 13.10 -28.63
C ASN C 135 -12.65 11.87 -29.15
N GLU C 136 -11.65 11.39 -28.42
CA GLU C 136 -11.02 10.12 -28.74
C GLU C 136 -11.83 8.91 -28.20
N LEU C 137 -13.01 9.13 -27.61
CA LEU C 137 -13.68 8.12 -26.76
C LEU C 137 -14.25 7.00 -27.60
N PRO C 138 -14.09 5.73 -27.15
CA PRO C 138 -14.80 4.58 -27.70
C PRO C 138 -16.32 4.71 -27.85
N THR C 139 -16.87 3.87 -28.72
CA THR C 139 -18.02 4.19 -29.52
C THR C 139 -18.98 3.01 -29.70
#